data_7ZVX
#
_entry.id   7ZVX
#
_cell.length_a   50.230
_cell.length_b   60.360
_cell.length_c   128.430
_cell.angle_alpha   90.000
_cell.angle_beta   97.170
_cell.angle_gamma   90.000
#
_symmetry.space_group_name_H-M   'P 1 21 1'
#
loop_
_entity.id
_entity.type
_entity.pdbx_description
1 polymer 'Annexin A2'
2 polymer "2'-methoxyethyl DNA gapmer antisense oligonucleotide"
3 non-polymer 'CALCIUM ION'
4 non-polymer 1,2-ETHANEDIOL
5 water water
#
loop_
_entity_poly.entity_id
_entity_poly.type
_entity_poly.pdbx_seq_one_letter_code
_entity_poly.pdbx_strand_id
1 'polypeptide(L)'
;SDAERDALNIETAIKTKGVDEVTIVNILTNRSNAQRQDIAFAYQRRTKKELASALKSALSGHLETVILGLLKTPAQYDAS
ELKASMKGLGTDEDSLIEIICSRTNQELQEINRVYKEMYKTDLEKDIISDTSGDFRKLMVALAKGRRAEDGSVIDYELID
QDARDLYDAGVKRKGTDVPKWISIMTERSVPHLQKVFDRYKSYSPYDMLESIRKEVKGDLENAFLNLVQCIQNKPLYFAD
RLYDSMKGKGTRDKVLIRIMASRSEVDMLKIRSEFKRKYGKSLYYYIQQDTKGDYQKALLYLCGGDD
;
A,B
2 'polydeoxyribonucleotide'
;(K39)(N7X)(N7X)(K2F)(K39)(GS)(OKN)(PST)(GS)(GS)(PST)(PST)(AS)(PST)(GS)(PST)(PST)
(PST)(PST)(PST)(PST)(PST)(PST)(PST)(PST)(PST)(PST)(PST)(PST)(PST)
;
C,D
#
# COMPACT_ATOMS: atom_id res chain seq x y z
N SER A 1 -6.23 11.51 12.01
CA SER A 1 -7.03 11.93 10.85
C SER A 1 -8.19 10.97 10.57
N ASP A 2 -9.38 11.56 10.39
CA ASP A 2 -10.60 10.86 10.06
C ASP A 2 -10.80 11.00 8.55
N ALA A 3 -10.75 9.88 7.83
CA ALA A 3 -10.89 9.96 6.37
C ALA A 3 -12.23 10.52 5.95
N GLU A 4 -13.27 10.25 6.74
CA GLU A 4 -14.58 10.78 6.38
C GLU A 4 -14.68 12.26 6.70
N ARG A 5 -14.06 12.70 7.82
CA ARG A 5 -14.07 14.13 8.13
C ARG A 5 -13.31 14.93 7.06
N ASP A 6 -12.17 14.39 6.59
CA ASP A 6 -11.35 15.08 5.59
C ASP A 6 -12.04 15.15 4.24
N ALA A 7 -12.63 14.04 3.80
CA ALA A 7 -13.39 14.08 2.56
C ALA A 7 -14.51 15.11 2.61
N LEU A 8 -15.13 15.30 3.79
CA LEU A 8 -16.17 16.31 3.93
C LEU A 8 -15.58 17.71 3.82
N ASN A 9 -14.49 17.96 4.56
CA ASN A 9 -13.88 19.29 4.55
C ASN A 9 -13.35 19.64 3.17
N ILE A 10 -12.75 18.65 2.48
CA ILE A 10 -12.26 18.87 1.13
C ILE A 10 -13.42 19.23 0.19
N GLU A 11 -14.57 18.59 0.37
CA GLU A 11 -15.75 18.95 -0.40
C GLU A 11 -16.24 20.37 -0.07
N THR A 12 -16.26 20.73 1.21
CA THR A 12 -16.66 22.09 1.56
C THR A 12 -15.70 23.11 0.98
N ALA A 13 -14.41 22.75 0.86
CA ALA A 13 -13.44 23.69 0.33
C ALA A 13 -13.56 23.82 -1.18
N ILE A 14 -13.81 22.71 -1.88
CA ILE A 14 -14.01 22.77 -3.33
C ILE A 14 -15.21 23.67 -3.66
N LYS A 15 -16.21 23.74 -2.77
CA LYS A 15 -17.44 24.47 -3.06
C LYS A 15 -17.48 25.87 -2.43
N THR A 16 -16.39 26.30 -1.79
CA THR A 16 -16.27 27.66 -1.29
C THR A 16 -15.87 28.62 -2.42
N LYS A 17 -16.37 29.87 -2.34
CA LYS A 17 -16.12 30.83 -3.41
C LYS A 17 -14.63 30.97 -3.70
N GLY A 18 -14.28 30.84 -4.97
CA GLY A 18 -12.90 30.92 -5.39
C GLY A 18 -12.07 29.67 -5.16
N VAL A 19 -12.69 28.61 -4.63
CA VAL A 19 -12.03 27.41 -4.10
C VAL A 19 -11.15 27.79 -2.91
N ASP A 20 -11.33 27.07 -1.80
CA ASP A 20 -10.46 27.20 -0.63
C ASP A 20 -9.24 26.29 -0.82
N GLU A 21 -8.29 26.78 -1.61
CA GLU A 21 -7.09 26.01 -1.91
C GLU A 21 -6.26 25.77 -0.66
N VAL A 22 -6.45 26.61 0.36
CA VAL A 22 -5.62 26.49 1.55
C VAL A 22 -6.01 25.25 2.36
N THR A 23 -7.31 25.07 2.60
CA THR A 23 -7.76 23.92 3.36
C THR A 23 -7.36 22.62 2.67
N ILE A 24 -7.41 22.60 1.34
CA ILE A 24 -7.11 21.40 0.59
C ILE A 24 -5.65 21.01 0.79
N VAL A 25 -4.75 22.00 0.71
CA VAL A 25 -3.33 21.75 0.91
C VAL A 25 -3.06 21.28 2.34
N ASN A 26 -3.68 21.94 3.33
CA ASN A 26 -3.42 21.61 4.74
C ASN A 26 -3.70 20.14 4.99
N ILE A 27 -4.86 19.67 4.54
CA ILE A 27 -5.22 18.27 4.67
C ILE A 27 -4.25 17.40 3.89
N LEU A 28 -4.32 17.46 2.55
CA LEU A 28 -3.73 16.43 1.70
C LEU A 28 -2.21 16.32 1.89
N THR A 29 -1.50 17.44 2.02
CA THR A 29 -0.05 17.30 2.14
C THR A 29 0.37 16.93 3.54
N ASN A 30 -0.57 16.67 4.44
CA ASN A 30 -0.28 16.26 5.81
C ASN A 30 -0.95 14.95 6.14
N ARG A 31 -0.98 14.06 5.15
CA ARG A 31 -1.53 12.72 5.28
C ARG A 31 -0.68 11.75 4.49
N SER A 32 -0.51 10.54 5.03
CA SER A 32 0.19 9.49 4.32
C SER A 32 -0.48 9.17 2.97
N ASN A 33 0.19 8.34 2.19
CA ASN A 33 -0.40 7.97 0.91
C ASN A 33 -1.62 7.09 1.11
N ALA A 34 -1.59 6.21 2.12
CA ALA A 34 -2.78 5.42 2.44
C ALA A 34 -3.95 6.32 2.84
N GLN A 35 -3.71 7.26 3.76
CA GLN A 35 -4.78 8.16 4.18
C GLN A 35 -5.34 8.99 3.02
N ARG A 36 -4.49 9.33 2.04
CA ARG A 36 -5.01 10.04 0.87
C ARG A 36 -5.95 9.14 0.05
N GLN A 37 -5.61 7.86 -0.09
CA GLN A 37 -6.51 6.93 -0.77
C GLN A 37 -7.83 6.83 -0.03
N ASP A 38 -7.77 6.70 1.31
CA ASP A 38 -8.98 6.68 2.13
C ASP A 38 -9.85 7.90 1.87
N ILE A 39 -9.26 9.09 1.97
CA ILE A 39 -9.97 10.33 1.64
C ILE A 39 -10.56 10.25 0.25
N ALA A 40 -9.79 9.74 -0.71
CA ALA A 40 -10.29 9.73 -2.07
C ALA A 40 -11.46 8.75 -2.23
N PHE A 41 -11.48 7.67 -1.47
CA PHE A 41 -12.64 6.78 -1.52
C PHE A 41 -13.83 7.41 -0.82
N ALA A 42 -13.62 7.90 0.41
CA ALA A 42 -14.69 8.56 1.15
C ALA A 42 -15.33 9.69 0.32
N TYR A 43 -14.51 10.52 -0.30
CA TYR A 43 -15.03 11.55 -1.20
C TYR A 43 -15.91 10.95 -2.28
N GLN A 44 -15.44 9.88 -2.91
CA GLN A 44 -16.22 9.25 -3.98
C GLN A 44 -17.54 8.69 -3.47
N ARG A 45 -17.63 8.32 -2.18
CA ARG A 45 -18.91 7.84 -1.66
C ARG A 45 -19.87 8.99 -1.37
N ARG A 46 -19.37 10.08 -0.79
CA ARG A 46 -20.22 11.21 -0.47
C ARG A 46 -20.73 11.90 -1.73
N THR A 47 -19.98 11.85 -2.83
CA THR A 47 -20.29 12.66 -4.01
C THR A 47 -20.56 11.89 -5.28
N LYS A 48 -20.20 10.61 -5.37
CA LYS A 48 -20.31 9.84 -6.60
C LYS A 48 -19.48 10.45 -7.72
N LYS A 49 -18.50 11.25 -7.34
CA LYS A 49 -17.52 11.83 -8.25
C LYS A 49 -16.10 11.54 -7.73
N GLU A 50 -15.18 11.33 -8.66
CA GLU A 50 -13.80 11.06 -8.28
C GLU A 50 -13.13 12.30 -7.70
N LEU A 51 -12.46 12.11 -6.55
CA LEU A 51 -11.70 13.21 -5.98
C LEU A 51 -10.68 13.76 -6.97
N ALA A 52 -9.91 12.88 -7.61
CA ALA A 52 -8.89 13.37 -8.52
C ALA A 52 -9.49 14.28 -9.59
N SER A 53 -10.62 13.90 -10.15
CA SER A 53 -11.21 14.71 -11.23
C SER A 53 -11.80 16.01 -10.71
N ALA A 54 -12.38 16.00 -9.49
CA ALA A 54 -12.90 17.25 -8.94
C ALA A 54 -11.77 18.24 -8.67
N LEU A 55 -10.61 17.75 -8.24
CA LEU A 55 -9.52 18.67 -7.93
C LEU A 55 -8.87 19.21 -9.19
N LYS A 56 -8.82 18.43 -10.27
CA LYS A 56 -8.29 18.96 -11.53
C LYS A 56 -9.11 20.17 -11.99
N SER A 57 -10.44 20.09 -11.85
N SER A 57 -10.44 20.10 -11.85
CA SER A 57 -11.30 21.19 -12.28
CA SER A 57 -11.28 21.21 -12.28
C SER A 57 -11.25 22.37 -11.32
C SER A 57 -11.21 22.40 -11.32
N ALA A 58 -10.92 22.14 -10.04
CA ALA A 58 -10.92 23.17 -9.02
C ALA A 58 -9.61 23.94 -8.94
N LEU A 59 -8.49 23.29 -9.24
CA LEU A 59 -7.16 23.88 -9.11
C LEU A 59 -6.56 24.15 -10.48
N SER A 60 -5.42 24.85 -10.47
CA SER A 60 -4.69 25.13 -11.69
C SER A 60 -3.23 25.29 -11.33
N GLY A 61 -2.39 25.32 -12.38
CA GLY A 61 -0.99 25.62 -12.27
C GLY A 61 -0.24 24.57 -11.48
N HIS A 62 0.88 25.02 -10.89
CA HIS A 62 1.76 24.10 -10.17
C HIS A 62 1.01 23.40 -9.04
N LEU A 63 0.12 24.10 -8.35
CA LEU A 63 -0.66 23.49 -7.27
C LEU A 63 -1.39 22.25 -7.76
N GLU A 64 -1.98 22.32 -8.96
CA GLU A 64 -2.71 21.16 -9.47
C GLU A 64 -1.76 20.00 -9.72
N THR A 65 -0.57 20.26 -10.25
CA THR A 65 0.38 19.19 -10.54
C THR A 65 0.75 18.45 -9.27
N VAL A 66 1.06 19.21 -8.21
CA VAL A 66 1.41 18.62 -6.92
C VAL A 66 0.29 17.72 -6.41
N ILE A 67 -0.93 18.25 -6.36
CA ILE A 67 -2.02 17.58 -5.65
C ILE A 67 -2.53 16.35 -6.40
N LEU A 68 -2.50 16.37 -7.72
CA LEU A 68 -2.93 15.20 -8.47
C LEU A 68 -1.91 14.09 -8.42
N GLY A 69 -0.61 14.45 -8.35
CA GLY A 69 0.40 13.45 -8.07
C GLY A 69 0.23 12.82 -6.70
N LEU A 70 -0.05 13.65 -5.67
CA LEU A 70 -0.28 13.14 -4.33
C LEU A 70 -1.42 12.15 -4.27
N LEU A 71 -2.44 12.34 -5.10
CA LEU A 71 -3.59 11.45 -5.06
C LEU A 71 -3.31 10.08 -5.63
N LYS A 72 -2.14 9.86 -6.22
CA LYS A 72 -1.77 8.58 -6.79
C LYS A 72 -0.99 7.75 -5.78
N THR A 73 -1.09 6.42 -5.91
CA THR A 73 -0.23 5.53 -5.12
C THR A 73 1.21 5.69 -5.58
N PRO A 74 2.18 5.24 -4.78
CA PRO A 74 3.57 5.36 -5.21
C PRO A 74 3.86 4.70 -6.55
N ALA A 75 3.40 3.47 -6.80
CA ALA A 75 3.71 2.87 -8.08
C ALA A 75 3.03 3.61 -9.22
N GLN A 76 1.80 4.10 -8.99
CA GLN A 76 1.03 4.83 -10.01
C GLN A 76 1.67 6.15 -10.37
N TYR A 77 2.12 6.90 -9.38
CA TYR A 77 2.78 8.16 -9.67
C TYR A 77 4.02 7.92 -10.52
N ASP A 78 4.92 7.04 -10.06
CA ASP A 78 6.14 6.80 -10.82
C ASP A 78 5.80 6.31 -12.21
N ALA A 79 4.86 5.37 -12.31
CA ALA A 79 4.44 4.87 -13.61
C ALA A 79 4.02 6.02 -14.50
N SER A 80 3.13 6.87 -14.00
CA SER A 80 2.65 8.00 -14.79
C SER A 80 3.78 8.96 -15.16
N GLU A 81 4.78 9.13 -14.29
CA GLU A 81 5.89 10.01 -14.65
C GLU A 81 6.85 9.34 -15.64
N LEU A 82 6.89 8.01 -15.70
CA LEU A 82 7.65 7.37 -16.77
C LEU A 82 6.96 7.53 -18.12
N LYS A 83 5.62 7.48 -18.14
CA LYS A 83 4.88 7.65 -19.40
C LYS A 83 5.00 9.08 -19.88
N ALA A 84 4.76 10.05 -18.99
CA ALA A 84 4.95 11.45 -19.30
C ALA A 84 6.30 11.71 -19.97
N SER A 85 7.36 11.06 -19.47
CA SER A 85 8.70 11.32 -19.98
C SER A 85 8.96 10.70 -21.35
N MET A 86 8.17 9.71 -21.74
CA MET A 86 8.37 8.94 -22.97
C MET A 86 7.26 9.21 -23.96
N LYS A 87 6.50 10.27 -23.74
CA LYS A 87 5.33 10.63 -24.50
C LYS A 87 5.72 11.47 -25.70
N GLY A 88 4.84 11.48 -26.70
CA GLY A 88 5.13 12.26 -27.87
C GLY A 88 6.25 11.61 -28.69
N LEU A 89 6.92 12.45 -29.47
CA LEU A 89 7.97 11.98 -30.37
C LEU A 89 9.35 11.98 -29.70
N GLY A 90 9.62 12.98 -28.87
CA GLY A 90 10.84 13.02 -28.10
C GLY A 90 10.71 12.32 -26.76
N THR A 91 11.86 12.11 -26.13
CA THR A 91 11.94 11.45 -24.83
C THR A 91 12.60 12.42 -23.86
N ASP A 92 12.13 12.40 -22.61
CA ASP A 92 12.73 13.19 -21.53
C ASP A 92 13.68 12.25 -20.77
N GLU A 93 14.87 12.07 -21.34
CA GLU A 93 15.83 11.09 -20.82
C GLU A 93 16.18 11.35 -19.36
N ASP A 94 16.33 12.63 -18.98
CA ASP A 94 16.67 12.94 -17.61
C ASP A 94 15.65 12.38 -16.63
N SER A 95 14.36 12.65 -16.88
CA SER A 95 13.33 12.15 -15.98
C SER A 95 13.34 10.63 -15.96
N LEU A 96 13.40 10.01 -17.14
CA LEU A 96 13.58 8.57 -17.23
C LEU A 96 14.75 8.10 -16.38
N ILE A 97 15.91 8.74 -16.55
CA ILE A 97 17.09 8.31 -15.82
C ILE A 97 16.85 8.39 -14.32
N GLU A 98 16.32 9.53 -13.85
CA GLU A 98 16.08 9.74 -12.42
C GLU A 98 15.21 8.65 -11.82
N ILE A 99 14.11 8.31 -12.50
CA ILE A 99 13.15 7.39 -11.88
C ILE A 99 13.71 5.99 -11.88
N ILE A 100 14.33 5.59 -12.98
CA ILE A 100 14.83 4.23 -13.12
C ILE A 100 16.07 4.01 -12.26
N CYS A 101 16.97 5.00 -12.22
CA CYS A 101 18.22 4.81 -11.51
C CYS A 101 18.03 4.86 -10.00
N SER A 102 16.90 5.37 -9.51
CA SER A 102 16.75 5.65 -8.10
C SER A 102 15.71 4.78 -7.42
N ARG A 103 15.11 3.85 -8.15
CA ARG A 103 14.08 2.99 -7.57
C ARG A 103 14.70 1.65 -7.20
N THR A 104 14.22 1.08 -6.09
CA THR A 104 14.72 -0.21 -5.66
C THR A 104 14.08 -1.33 -6.50
N ASN A 105 14.54 -2.56 -6.26
CA ASN A 105 13.94 -3.76 -6.86
C ASN A 105 12.44 -3.82 -6.60
N GLN A 106 12.05 -3.74 -5.33
CA GLN A 106 10.64 -3.84 -4.98
C GLN A 106 9.84 -2.75 -5.67
N GLU A 107 10.34 -1.52 -5.64
CA GLU A 107 9.64 -0.42 -6.31
C GLU A 107 9.52 -0.66 -7.82
N LEU A 108 10.57 -1.22 -8.45
CA LEU A 108 10.54 -1.41 -9.90
C LEU A 108 9.59 -2.52 -10.32
N GLN A 109 9.46 -3.57 -9.53
CA GLN A 109 8.58 -4.66 -9.93
C GLN A 109 7.11 -4.27 -9.79
N GLU A 110 6.79 -3.39 -8.83
CA GLU A 110 5.41 -2.92 -8.74
C GLU A 110 5.10 -1.89 -9.82
N ILE A 111 6.05 -0.99 -10.09
CA ILE A 111 5.93 -0.07 -11.21
C ILE A 111 5.71 -0.84 -12.52
N ASN A 112 6.54 -1.86 -12.78
CA ASN A 112 6.33 -2.70 -13.97
C ASN A 112 4.92 -3.28 -13.97
N ARG A 113 4.44 -3.72 -12.81
CA ARG A 113 3.11 -4.32 -12.73
C ARG A 113 2.02 -3.28 -12.98
N VAL A 114 2.13 -2.13 -12.32
CA VAL A 114 1.08 -1.12 -12.40
C VAL A 114 1.12 -0.42 -13.77
N TYR A 115 2.32 -0.21 -14.34
CA TYR A 115 2.43 0.40 -15.66
C TYR A 115 1.65 -0.38 -16.70
N LYS A 116 1.76 -1.71 -16.67
CA LYS A 116 0.96 -2.56 -17.55
C LYS A 116 -0.55 -2.27 -17.38
N GLU A 117 -1.01 -2.20 -16.12
CA GLU A 117 -2.44 -2.05 -15.85
C GLU A 117 -2.96 -0.69 -16.32
N MET A 118 -2.17 0.38 -16.18
CA MET A 118 -2.66 1.71 -16.55
C MET A 118 -2.60 1.96 -18.04
N TYR A 119 -1.54 1.54 -18.72
CA TYR A 119 -1.30 1.94 -20.09
C TYR A 119 -1.33 0.77 -21.08
N LYS A 120 -1.66 -0.43 -20.60
CA LYS A 120 -2.00 -1.56 -21.46
C LYS A 120 -0.85 -2.03 -22.34
N THR A 121 0.33 -1.44 -22.17
CA THR A 121 1.55 -2.02 -22.73
C THR A 121 2.58 -2.14 -21.62
N ASP A 122 3.62 -2.92 -21.89
CA ASP A 122 4.66 -3.17 -20.90
C ASP A 122 5.68 -2.04 -20.89
N LEU A 123 6.10 -1.65 -19.68
CA LEU A 123 7.11 -0.61 -19.53
C LEU A 123 8.33 -0.88 -20.39
N GLU A 124 8.79 -2.14 -20.43
CA GLU A 124 9.96 -2.48 -21.22
C GLU A 124 9.77 -2.11 -22.68
N LYS A 125 8.64 -2.53 -23.26
CA LYS A 125 8.42 -2.24 -24.67
C LYS A 125 8.41 -0.73 -24.90
N ASP A 126 7.79 0.02 -24.00
CA ASP A 126 7.72 1.46 -24.17
C ASP A 126 9.11 2.08 -24.06
N ILE A 127 10.00 1.46 -23.28
CA ILE A 127 11.36 1.97 -23.16
C ILE A 127 12.13 1.67 -24.44
N ILE A 128 12.01 0.42 -24.93
CA ILE A 128 12.71 0.00 -26.13
C ILE A 128 12.35 0.88 -27.34
N SER A 129 11.10 1.35 -27.40
CA SER A 129 10.61 2.16 -28.52
C SER A 129 11.07 3.62 -28.49
N ASP A 130 11.69 4.09 -27.41
CA ASP A 130 11.97 5.51 -27.28
C ASP A 130 13.42 5.79 -26.94
N THR A 131 14.24 4.75 -26.80
CA THR A 131 15.66 4.86 -26.56
C THR A 131 16.38 3.90 -27.50
N SER A 132 17.66 4.19 -27.76
CA SER A 132 18.46 3.41 -28.69
C SER A 132 19.81 3.10 -28.05
N GLY A 133 20.53 2.18 -28.68
CA GLY A 133 21.92 1.99 -28.36
C GLY A 133 22.18 1.40 -26.98
N ASP A 134 23.37 1.71 -26.46
CA ASP A 134 23.77 1.23 -25.16
C ASP A 134 22.93 1.85 -24.06
N PHE A 135 22.46 3.08 -24.28
CA PHE A 135 21.52 3.71 -23.35
C PHE A 135 20.23 2.92 -23.21
N ARG A 136 19.80 2.24 -24.28
CA ARG A 136 18.63 1.38 -24.15
C ARG A 136 18.99 0.11 -23.39
N LYS A 137 20.17 -0.44 -23.67
CA LYS A 137 20.65 -1.63 -22.97
C LYS A 137 20.66 -1.38 -21.47
N LEU A 138 21.19 -0.23 -21.06
CA LEU A 138 21.28 0.09 -19.64
C LEU A 138 19.91 0.29 -19.02
N MET A 139 19.06 1.11 -19.65
CA MET A 139 17.73 1.37 -19.14
C MET A 139 16.90 0.10 -19.06
N VAL A 140 17.02 -0.78 -20.07
CA VAL A 140 16.25 -2.02 -20.04
C VAL A 140 16.70 -2.90 -18.89
N ALA A 141 18.02 -3.03 -18.70
CA ALA A 141 18.54 -3.84 -17.60
C ALA A 141 18.09 -3.29 -16.25
N LEU A 142 18.18 -1.97 -16.07
CA LEU A 142 17.83 -1.41 -14.77
C LEU A 142 16.35 -1.60 -14.47
N ALA A 143 15.50 -1.41 -15.48
CA ALA A 143 14.06 -1.47 -15.22
C ALA A 143 13.54 -2.87 -14.88
N LYS A 144 14.33 -3.93 -15.07
CA LYS A 144 13.82 -5.23 -14.65
C LYS A 144 13.69 -5.34 -13.14
N GLY A 145 14.40 -4.50 -12.38
CA GLY A 145 14.36 -4.63 -10.93
C GLY A 145 14.77 -6.00 -10.45
N ARG A 146 15.84 -6.56 -11.01
CA ARG A 146 16.25 -7.91 -10.67
C ARG A 146 17.73 -7.95 -10.25
N ARG A 147 18.25 -6.82 -9.79
CA ARG A 147 19.63 -6.77 -9.28
C ARG A 147 19.77 -7.69 -8.08
N ALA A 148 20.94 -8.31 -7.93
CA ALA A 148 21.16 -9.25 -6.83
C ALA A 148 20.98 -8.55 -5.48
N GLU A 149 20.40 -9.26 -4.53
CA GLU A 149 20.23 -8.69 -3.20
C GLU A 149 21.48 -8.95 -2.35
N ASP A 150 21.64 -8.16 -1.31
CA ASP A 150 22.87 -8.26 -0.52
C ASP A 150 22.98 -9.63 0.15
N GLY A 151 24.10 -10.30 -0.06
CA GLY A 151 24.41 -11.51 0.65
C GLY A 151 24.75 -11.25 2.11
N SER A 152 24.97 -12.36 2.85
CA SER A 152 25.36 -12.29 4.25
C SER A 152 26.87 -12.17 4.43
N VAL A 153 27.66 -12.84 3.58
CA VAL A 153 29.11 -12.74 3.59
C VAL A 153 29.55 -11.79 2.46
N ILE A 154 30.36 -10.80 2.81
CA ILE A 154 30.93 -9.92 1.80
C ILE A 154 31.82 -10.73 0.87
N ASP A 155 31.74 -10.45 -0.43
CA ASP A 155 32.49 -11.20 -1.42
C ASP A 155 33.69 -10.38 -1.88
N TYR A 156 34.72 -10.35 -1.03
CA TYR A 156 35.86 -9.49 -1.31
C TYR A 156 36.54 -9.87 -2.62
N GLU A 157 36.65 -11.17 -2.91
CA GLU A 157 37.31 -11.58 -4.15
C GLU A 157 36.63 -11.03 -5.40
N LEU A 158 35.28 -11.03 -5.42
CA LEU A 158 34.56 -10.51 -6.57
C LEU A 158 34.54 -8.98 -6.58
N ILE A 159 34.56 -8.36 -5.40
CA ILE A 159 34.78 -6.92 -5.35
C ILE A 159 36.04 -6.54 -6.12
N ASP A 160 37.14 -7.26 -5.87
CA ASP A 160 38.39 -6.94 -6.58
C ASP A 160 38.26 -7.22 -8.07
N GLN A 161 37.72 -8.40 -8.45
CA GLN A 161 37.57 -8.72 -9.86
C GLN A 161 36.74 -7.65 -10.58
N ASP A 162 35.58 -7.30 -9.99
CA ASP A 162 34.70 -6.31 -10.62
C ASP A 162 35.40 -4.98 -10.80
N ALA A 163 36.17 -4.54 -9.80
CA ALA A 163 36.95 -3.30 -9.91
C ALA A 163 37.99 -3.40 -11.00
N ARG A 164 38.75 -4.50 -11.02
CA ARG A 164 39.67 -4.74 -12.15
C ARG A 164 38.92 -4.67 -13.48
N ASP A 165 37.77 -5.36 -13.56
CA ASP A 165 37.03 -5.48 -14.81
C ASP A 165 36.52 -4.12 -15.31
N LEU A 166 35.93 -3.33 -14.42
CA LEU A 166 35.57 -1.95 -14.78
C LEU A 166 36.74 -1.22 -15.38
N TYR A 167 37.95 -1.48 -14.89
CA TYR A 167 39.13 -0.76 -15.36
C TYR A 167 39.60 -1.25 -16.71
N ASP A 168 39.85 -2.56 -16.84
CA ASP A 168 40.18 -3.16 -18.13
C ASP A 168 39.24 -2.66 -19.21
N ALA A 169 37.95 -2.60 -18.89
CA ALA A 169 36.90 -2.26 -19.84
C ALA A 169 36.85 -0.78 -20.19
N GLY A 170 37.58 0.08 -19.48
CA GLY A 170 37.37 1.49 -19.72
C GLY A 170 38.65 2.27 -19.86
N VAL A 171 39.05 2.90 -18.75
CA VAL A 171 40.18 3.81 -18.73
C VAL A 171 41.47 3.12 -19.17
N LYS A 172 41.59 1.81 -18.93
CA LYS A 172 42.81 1.09 -19.28
C LYS A 172 42.94 0.89 -20.79
N ARG A 173 41.89 0.40 -21.44
CA ARG A 173 41.98 0.05 -22.86
C ARG A 173 41.68 1.28 -23.73
N LYS A 174 41.79 1.09 -25.04
CA LYS A 174 41.33 2.07 -26.02
C LYS A 174 39.92 1.69 -26.47
N GLY A 175 39.00 2.66 -26.45
CA GLY A 175 37.57 2.37 -26.59
C GLY A 175 36.90 2.10 -25.26
N THR A 176 35.72 1.48 -25.31
CA THR A 176 35.03 1.07 -24.07
C THR A 176 34.18 -0.16 -24.29
N ASP A 177 34.40 -1.18 -23.45
CA ASP A 177 33.52 -2.35 -23.34
C ASP A 177 32.32 -1.97 -22.49
N VAL A 178 31.40 -1.21 -23.11
CA VAL A 178 30.20 -0.75 -22.38
C VAL A 178 29.38 -1.88 -21.78
N PRO A 179 29.15 -3.02 -22.46
CA PRO A 179 28.33 -4.07 -21.84
C PRO A 179 28.96 -4.66 -20.60
N LYS A 180 30.28 -4.61 -20.46
CA LYS A 180 30.92 -4.99 -19.20
C LYS A 180 30.48 -4.06 -18.08
N TRP A 181 30.40 -2.76 -18.39
CA TRP A 181 29.93 -1.78 -17.41
C TRP A 181 28.47 -2.02 -17.05
N ILE A 182 27.62 -2.24 -18.06
CA ILE A 182 26.21 -2.49 -17.81
C ILE A 182 26.04 -3.72 -16.94
N SER A 183 26.75 -4.80 -17.27
CA SER A 183 26.62 -6.04 -16.50
C SER A 183 26.93 -5.79 -15.03
N ILE A 184 28.15 -5.40 -14.74
CA ILE A 184 28.57 -5.24 -13.35
C ILE A 184 27.60 -4.34 -12.60
N MET A 185 27.20 -3.23 -13.21
CA MET A 185 26.50 -2.17 -12.50
C MET A 185 25.00 -2.34 -12.43
N THR A 186 24.41 -3.18 -13.28
CA THR A 186 22.99 -3.48 -13.14
C THR A 186 22.76 -4.73 -12.32
N GLU A 187 23.74 -5.64 -12.28
CA GLU A 187 23.55 -6.94 -11.66
C GLU A 187 24.04 -7.03 -10.23
N ARG A 188 25.11 -6.34 -9.86
CA ARG A 188 25.62 -6.55 -8.52
C ARG A 188 24.84 -5.74 -7.50
N SER A 189 24.88 -6.21 -6.25
CA SER A 189 24.12 -5.56 -5.18
C SER A 189 24.67 -4.16 -4.89
N VAL A 190 23.79 -3.27 -4.40
CA VAL A 190 24.22 -1.90 -4.09
C VAL A 190 25.35 -1.88 -3.07
N PRO A 191 25.26 -2.59 -1.94
CA PRO A 191 26.39 -2.57 -1.00
C PRO A 191 27.68 -3.13 -1.61
N HIS A 192 27.56 -4.11 -2.50
CA HIS A 192 28.73 -4.65 -3.19
C HIS A 192 29.38 -3.60 -4.09
N LEU A 193 28.56 -2.88 -4.87
CA LEU A 193 29.09 -1.92 -5.83
C LEU A 193 29.68 -0.70 -5.13
N GLN A 194 29.11 -0.31 -4.00
CA GLN A 194 29.76 0.64 -3.12
C GLN A 194 31.20 0.26 -2.86
N LYS A 195 31.45 -1.02 -2.59
CA LYS A 195 32.80 -1.47 -2.26
C LYS A 195 33.66 -1.54 -3.51
N VAL A 196 33.11 -2.11 -4.59
CA VAL A 196 33.74 -2.03 -5.90
C VAL A 196 34.23 -0.62 -6.20
N PHE A 197 33.37 0.39 -6.04
CA PHE A 197 33.76 1.74 -6.47
C PHE A 197 34.94 2.25 -5.67
N ASP A 198 35.06 1.84 -4.40
CA ASP A 198 36.22 2.25 -3.64
C ASP A 198 37.44 1.48 -4.09
N ARG A 199 37.30 0.16 -4.27
CA ARG A 199 38.39 -0.67 -4.73
C ARG A 199 38.88 -0.24 -6.09
N TYR A 200 37.95 0.19 -6.94
CA TYR A 200 38.32 0.75 -8.24
C TYR A 200 39.27 1.92 -8.12
N LYS A 201 39.13 2.73 -7.07
CA LYS A 201 40.05 3.83 -6.90
C LYS A 201 41.47 3.35 -6.67
N SER A 202 41.61 2.07 -6.31
CA SER A 202 42.92 1.50 -6.05
C SER A 202 43.69 1.26 -7.34
N TYR A 203 42.98 0.93 -8.42
CA TYR A 203 43.57 0.69 -9.73
C TYR A 203 43.58 1.92 -10.63
N SER A 204 42.53 2.73 -10.59
CA SER A 204 42.47 3.77 -11.60
C SER A 204 42.88 5.12 -11.03
N PRO A 205 43.60 5.95 -11.80
CA PRO A 205 43.89 7.32 -11.35
C PRO A 205 42.66 8.20 -11.27
N TYR A 206 41.54 7.77 -11.81
CA TYR A 206 40.27 8.49 -11.80
C TYR A 206 39.25 7.72 -10.97
N ASP A 207 38.36 8.42 -10.27
CA ASP A 207 37.28 7.70 -9.59
C ASP A 207 36.15 7.39 -10.58
N MET A 208 35.11 6.72 -10.08
CA MET A 208 34.03 6.22 -10.96
C MET A 208 33.38 7.32 -11.79
N LEU A 209 33.09 8.47 -11.19
CA LEU A 209 32.49 9.59 -11.93
C LEU A 209 33.43 10.16 -12.99
N GLU A 210 34.67 10.51 -12.60
CA GLU A 210 35.63 11.00 -13.58
C GLU A 210 35.74 10.05 -14.76
N SER A 211 35.79 8.75 -14.47
CA SER A 211 35.97 7.76 -15.53
C SER A 211 34.78 7.72 -16.47
N ILE A 212 33.56 7.81 -15.93
CA ILE A 212 32.37 7.90 -16.78
C ILE A 212 32.44 9.11 -17.71
N ARG A 213 32.78 10.28 -17.16
CA ARG A 213 32.85 11.51 -17.94
C ARG A 213 33.89 11.40 -19.05
N LYS A 214 34.96 10.64 -18.81
CA LYS A 214 36.06 10.48 -19.76
C LYS A 214 35.84 9.36 -20.78
N GLU A 215 34.80 8.55 -20.64
CA GLU A 215 34.68 7.34 -21.44
C GLU A 215 33.44 7.31 -22.34
N VAL A 216 32.29 7.82 -21.90
CA VAL A 216 31.07 7.86 -22.69
C VAL A 216 30.54 9.28 -22.66
N LYS A 217 29.54 9.56 -23.49
CA LYS A 217 28.98 10.90 -23.59
C LYS A 217 27.46 10.83 -23.75
N GLY A 218 26.81 11.97 -23.57
CA GLY A 218 25.38 12.06 -23.85
C GLY A 218 24.53 11.34 -22.83
N ASP A 219 23.48 10.68 -23.33
CA ASP A 219 22.53 9.99 -22.47
C ASP A 219 23.22 8.92 -21.65
N LEU A 220 24.03 8.09 -22.32
CA LEU A 220 24.78 7.05 -21.65
C LEU A 220 25.59 7.62 -20.49
N GLU A 221 26.30 8.72 -20.74
CA GLU A 221 27.09 9.36 -19.68
C GLU A 221 26.19 9.81 -18.55
N ASN A 222 25.06 10.44 -18.87
CA ASN A 222 24.15 10.87 -17.82
C ASN A 222 23.56 9.69 -17.08
N ALA A 223 23.15 8.65 -17.82
CA ALA A 223 22.60 7.47 -17.16
C ALA A 223 23.59 6.88 -16.15
N PHE A 224 24.88 6.80 -16.50
CA PHE A 224 25.86 6.20 -15.61
C PHE A 224 26.19 7.11 -14.43
N LEU A 225 26.21 8.43 -14.65
CA LEU A 225 26.57 9.34 -13.56
C LEU A 225 25.50 9.35 -12.49
N ASN A 226 24.23 9.51 -12.90
CA ASN A 226 23.11 9.38 -11.96
C ASN A 226 23.14 8.03 -11.24
N LEU A 227 23.47 6.96 -11.96
CA LEU A 227 23.40 5.63 -11.38
C LEU A 227 24.46 5.45 -10.30
N VAL A 228 25.68 5.93 -10.54
CA VAL A 228 26.74 5.86 -9.54
C VAL A 228 26.36 6.66 -8.30
N GLN A 229 25.75 7.83 -8.50
CA GLN A 229 25.35 8.60 -7.33
C GLN A 229 24.28 7.87 -6.53
N CYS A 230 23.35 7.23 -7.23
CA CYS A 230 22.29 6.53 -6.51
C CYS A 230 22.83 5.32 -5.75
N ILE A 231 23.80 4.62 -6.33
CA ILE A 231 24.49 3.54 -5.62
C ILE A 231 25.25 4.10 -4.41
N GLN A 232 25.99 5.19 -4.58
CA GLN A 232 26.86 5.65 -3.50
C GLN A 232 26.07 6.23 -2.33
N ASN A 233 25.19 7.20 -2.59
CA ASN A 233 24.44 7.89 -1.53
C ASN A 233 23.15 8.43 -2.16
N LYS A 234 22.05 7.68 -2.01
CA LYS A 234 20.82 8.05 -2.69
C LYS A 234 20.20 9.35 -2.16
N PRO A 235 20.13 9.58 -0.83
CA PRO A 235 19.63 10.90 -0.36
C PRO A 235 20.47 12.07 -0.85
N LEU A 236 21.79 11.91 -0.90
CA LEU A 236 22.63 12.97 -1.45
C LEU A 236 22.24 13.28 -2.90
N TYR A 237 22.04 12.23 -3.69
CA TYR A 237 21.61 12.39 -5.07
C TYR A 237 20.36 13.27 -5.16
N PHE A 238 19.32 12.94 -4.39
CA PHE A 238 18.09 13.72 -4.42
C PHE A 238 18.31 15.14 -3.90
N ALA A 239 19.20 15.32 -2.92
CA ALA A 239 19.50 16.68 -2.46
C ALA A 239 20.19 17.49 -3.55
N ASP A 240 21.14 16.87 -4.26
CA ASP A 240 21.83 17.55 -5.34
C ASP A 240 20.87 17.92 -6.45
N ARG A 241 19.94 17.00 -6.77
CA ARG A 241 18.96 17.28 -7.79
C ARG A 241 17.98 18.36 -7.34
N LEU A 242 17.48 18.27 -6.11
CA LEU A 242 16.68 19.36 -5.55
C LEU A 242 17.40 20.71 -5.66
N TYR A 243 18.67 20.77 -5.25
CA TYR A 243 19.43 22.01 -5.40
C TYR A 243 19.43 22.49 -6.85
N ASP A 244 19.84 21.63 -7.80
CA ASP A 244 19.90 22.02 -9.21
C ASP A 244 18.58 22.57 -9.72
N SER A 245 17.47 22.05 -9.22
CA SER A 245 16.18 22.50 -9.72
C SER A 245 15.85 23.92 -9.28
N MET A 246 16.63 24.51 -8.38
CA MET A 246 16.29 25.79 -7.80
C MET A 246 17.41 26.82 -7.81
N LYS A 247 18.65 26.42 -8.09
CA LYS A 247 19.81 27.24 -7.74
C LYS A 247 19.89 28.52 -8.57
N GLY A 248 19.51 28.47 -9.85
CA GLY A 248 19.59 29.67 -10.67
C GLY A 248 18.28 30.31 -11.09
N LYS A 249 18.22 30.76 -12.35
CA LYS A 249 17.05 31.44 -12.87
C LYS A 249 15.85 30.50 -12.85
N GLY A 250 14.76 30.94 -12.22
CA GLY A 250 13.55 30.15 -12.20
C GLY A 250 13.68 28.80 -11.49
N THR A 251 12.80 27.88 -11.88
CA THR A 251 12.67 26.59 -11.22
C THR A 251 12.28 25.53 -12.25
N ARG A 252 12.99 24.40 -12.27
CA ARG A 252 12.47 23.21 -12.94
C ARG A 252 11.47 22.60 -11.99
N ASP A 253 10.25 23.13 -12.05
CA ASP A 253 9.19 22.71 -11.14
C ASP A 253 8.88 21.23 -11.29
N LYS A 254 9.01 20.70 -12.51
CA LYS A 254 8.71 19.30 -12.76
C LYS A 254 9.57 18.40 -11.88
N VAL A 255 10.87 18.67 -11.81
CA VAL A 255 11.78 17.89 -10.99
C VAL A 255 11.50 18.12 -9.51
N LEU A 256 11.34 19.39 -9.10
CA LEU A 256 11.05 19.72 -7.71
C LEU A 256 9.76 19.07 -7.21
N ILE A 257 8.69 19.13 -8.00
CA ILE A 257 7.45 18.48 -7.58
C ILE A 257 7.65 16.97 -7.45
N ARG A 258 8.38 16.37 -8.40
CA ARG A 258 8.46 14.92 -8.45
C ARG A 258 9.25 14.36 -7.27
N ILE A 259 10.37 15.00 -6.93
CA ILE A 259 11.18 14.55 -5.80
C ILE A 259 10.44 14.74 -4.49
N MET A 260 9.87 15.93 -4.28
CA MET A 260 9.10 16.19 -3.06
C MET A 260 7.93 15.24 -2.90
N ALA A 261 7.23 14.94 -4.00
CA ALA A 261 6.06 14.07 -3.91
C ALA A 261 6.46 12.61 -3.74
N SER A 262 7.46 12.16 -4.48
CA SER A 262 7.80 10.75 -4.40
C SER A 262 8.72 10.43 -3.22
N ARG A 263 9.45 11.41 -2.67
CA ARG A 263 10.37 11.09 -1.58
C ARG A 263 9.83 11.47 -0.19
N SER A 264 8.64 12.05 -0.11
CA SER A 264 8.15 12.62 1.15
C SER A 264 8.06 11.57 2.26
N GLU A 265 7.47 10.40 1.98
CA GLU A 265 7.35 9.33 2.97
C GLU A 265 8.35 8.22 2.79
N VAL A 266 9.48 8.49 2.16
CA VAL A 266 10.48 7.47 1.86
C VAL A 266 11.75 7.85 2.61
N ASP A 267 12.41 8.94 2.21
CA ASP A 267 13.66 9.31 2.85
C ASP A 267 13.82 10.82 2.99
N MET A 268 12.71 11.56 3.11
CA MET A 268 12.81 13.02 3.11
C MET A 268 13.72 13.53 4.22
N LEU A 269 13.71 12.88 5.37
CA LEU A 269 14.57 13.33 6.46
C LEU A 269 16.03 13.13 6.12
N LYS A 270 16.37 12.03 5.46
CA LYS A 270 17.76 11.84 5.06
C LYS A 270 18.20 12.88 4.02
N ILE A 271 17.38 13.06 2.98
CA ILE A 271 17.57 14.13 1.99
C ILE A 271 17.80 15.49 2.67
N ARG A 272 16.96 15.83 3.64
CA ARG A 272 17.09 17.13 4.31
C ARG A 272 18.41 17.26 5.05
N SER A 273 18.89 16.18 5.66
N SER A 273 18.87 16.19 5.68
CA SER A 273 20.16 16.20 6.36
CA SER A 273 20.16 16.21 6.37
C SER A 273 21.33 16.41 5.41
C SER A 273 21.32 16.41 5.40
N GLU A 274 21.29 15.74 4.26
CA GLU A 274 22.37 15.89 3.31
C GLU A 274 22.33 17.28 2.68
N PHE A 275 21.15 17.77 2.36
CA PHE A 275 21.04 19.10 1.77
C PHE A 275 21.60 20.15 2.74
N LYS A 276 21.15 20.10 3.99
CA LYS A 276 21.64 21.01 5.01
C LYS A 276 23.16 20.92 5.17
N ARG A 277 23.70 19.70 5.31
CA ARG A 277 25.12 19.57 5.59
C ARG A 277 25.99 19.98 4.40
N LYS A 278 25.47 19.90 3.17
CA LYS A 278 26.26 20.33 2.02
C LYS A 278 26.07 21.81 1.67
N TYR A 279 24.85 22.34 1.81
CA TYR A 279 24.60 23.67 1.30
C TYR A 279 24.53 24.73 2.39
N GLY A 280 24.50 24.33 3.66
CA GLY A 280 24.53 25.25 4.76
C GLY A 280 23.18 25.83 5.17
N LYS A 281 22.22 25.85 4.28
CA LYS A 281 20.87 26.20 4.66
C LYS A 281 19.96 25.03 4.33
N SER A 282 18.74 25.10 4.84
CA SER A 282 17.82 23.97 4.76
C SER A 282 17.22 23.85 3.38
N LEU A 283 16.80 22.62 3.04
CA LEU A 283 15.93 22.41 1.87
C LEU A 283 14.70 23.29 1.97
N TYR A 284 14.12 23.38 3.16
CA TYR A 284 13.00 24.26 3.40
C TYR A 284 13.29 25.69 2.96
N TYR A 285 14.50 26.17 3.22
CA TYR A 285 14.82 27.56 2.89
C TYR A 285 14.83 27.79 1.38
N TYR A 286 15.43 26.87 0.62
CA TYR A 286 15.50 27.07 -0.82
C TYR A 286 14.12 27.03 -1.44
N ILE A 287 13.24 26.15 -0.91
CA ILE A 287 11.87 26.10 -1.41
C ILE A 287 11.14 27.40 -1.13
N GLN A 288 11.30 27.93 0.08
CA GLN A 288 10.65 29.19 0.44
C GLN A 288 11.10 30.33 -0.48
N GLN A 289 12.39 30.37 -0.82
CA GLN A 289 12.88 31.45 -1.68
C GLN A 289 12.44 31.29 -3.12
N ASP A 290 12.22 30.06 -3.57
CA ASP A 290 12.02 29.88 -5.00
C ASP A 290 10.56 29.86 -5.44
N THR A 291 9.61 29.65 -4.53
CA THR A 291 8.22 29.47 -4.91
C THR A 291 7.34 30.38 -4.05
N LYS A 292 6.09 30.57 -4.51
CA LYS A 292 5.14 31.46 -3.85
C LYS A 292 3.79 30.75 -3.70
N GLY A 293 3.02 31.23 -2.72
CA GLY A 293 1.58 30.95 -2.66
C GLY A 293 1.21 29.61 -2.06
N ASP A 294 0.06 29.07 -2.50
CA ASP A 294 -0.36 27.76 -2.05
C ASP A 294 0.62 26.70 -2.49
N TYR A 295 1.13 26.87 -3.72
CA TYR A 295 2.19 26.02 -4.25
C TYR A 295 3.35 25.87 -3.26
N GLN A 296 3.86 27.01 -2.75
CA GLN A 296 4.95 26.97 -1.79
C GLN A 296 4.54 26.25 -0.51
N LYS A 297 3.38 26.60 0.05
CA LYS A 297 2.96 25.94 1.28
C LYS A 297 2.80 24.45 1.08
N ALA A 298 2.43 24.04 -0.14
CA ALA A 298 2.32 22.61 -0.44
C ALA A 298 3.68 21.93 -0.41
N LEU A 299 4.66 22.46 -1.16
CA LEU A 299 5.99 21.86 -1.13
C LEU A 299 6.59 21.89 0.28
N LEU A 300 6.28 22.91 1.07
CA LEU A 300 6.89 23.03 2.40
C LEU A 300 6.34 21.96 3.35
N TYR A 301 5.04 21.65 3.28
CA TYR A 301 4.49 20.58 4.11
C TYR A 301 5.07 19.23 3.72
N LEU A 302 5.28 19.02 2.41
CA LEU A 302 5.92 17.80 1.96
C LEU A 302 7.34 17.73 2.48
N CYS A 303 8.03 18.87 2.52
CA CYS A 303 9.35 18.93 3.14
C CYS A 303 9.30 18.41 4.58
N GLY A 304 8.34 18.90 5.34
CA GLY A 304 8.11 18.42 6.68
C GLY A 304 8.72 19.25 7.77
N GLY A 305 9.26 20.42 7.45
CA GLY A 305 9.82 21.29 8.47
C GLY A 305 11.17 21.91 8.13
N ASP A 306 11.43 23.08 8.72
CA ASP A 306 12.69 23.79 8.55
C ASP A 306 13.81 23.05 9.29
N ASP A 307 15.02 23.20 8.77
CA ASP A 307 16.21 22.64 9.43
C ASP A 307 17.13 23.77 9.96
N SER B 1 8.44 7.93 13.50
CA SER B 1 9.29 6.77 13.71
C SER B 1 10.29 6.61 12.57
N ASP B 2 11.46 6.10 12.90
CA ASP B 2 12.46 5.69 11.93
C ASP B 2 12.37 4.18 11.76
N ALA B 3 12.10 3.75 10.54
CA ALA B 3 12.08 2.31 10.27
C ALA B 3 13.45 1.69 10.54
N GLU B 4 14.51 2.43 10.28
CA GLU B 4 15.85 1.92 10.58
C GLU B 4 16.06 1.76 12.07
N ARG B 5 15.67 2.78 12.85
CA ARG B 5 15.79 2.68 14.31
C ARG B 5 14.91 1.56 14.85
N ASP B 6 13.66 1.48 14.40
CA ASP B 6 12.75 0.41 14.84
C ASP B 6 13.37 -0.95 14.59
N ALA B 7 13.92 -1.15 13.40
CA ALA B 7 14.52 -2.43 13.04
C ALA B 7 15.74 -2.75 13.90
N LEU B 8 16.52 -1.74 14.30
CA LEU B 8 17.61 -1.99 15.23
C LEU B 8 17.05 -2.45 16.58
N ASN B 9 16.09 -1.68 17.12
CA ASN B 9 15.52 -2.02 18.41
C ASN B 9 14.91 -3.43 18.39
N ILE B 10 14.15 -3.77 17.34
CA ILE B 10 13.56 -5.10 17.28
C ILE B 10 14.66 -6.17 17.21
N GLU B 11 15.74 -5.92 16.47
CA GLU B 11 16.83 -6.89 16.46
C GLU B 11 17.49 -7.00 17.83
N THR B 12 17.64 -5.88 18.52
CA THR B 12 18.21 -5.93 19.86
C THR B 12 17.27 -6.71 20.77
N ALA B 13 15.95 -6.56 20.58
CA ALA B 13 15.01 -7.26 21.44
C ALA B 13 15.05 -8.77 21.20
N ILE B 14 15.18 -9.18 19.94
CA ILE B 14 15.25 -10.60 19.61
C ILE B 14 16.48 -11.22 20.25
N LYS B 15 17.52 -10.44 20.45
CA LYS B 15 18.78 -10.97 20.96
C LYS B 15 18.93 -10.82 22.46
N THR B 16 17.96 -10.20 23.12
CA THR B 16 17.96 -10.05 24.57
C THR B 16 17.51 -11.34 25.23
N LYS B 17 18.03 -11.60 26.44
CA LYS B 17 17.80 -12.86 27.13
C LYS B 17 16.31 -13.16 27.28
N GLY B 18 15.93 -14.37 26.90
CA GLY B 18 14.55 -14.80 26.95
C GLY B 18 13.65 -14.17 25.91
N VAL B 19 14.21 -13.34 25.01
CA VAL B 19 13.51 -12.50 24.06
C VAL B 19 12.78 -11.37 24.79
N ASP B 20 13.00 -10.14 24.35
CA ASP B 20 12.40 -8.94 24.93
C ASP B 20 11.09 -8.71 24.17
N GLU B 21 10.01 -9.36 24.62
CA GLU B 21 8.77 -9.37 23.85
C GLU B 21 7.96 -8.09 24.02
N VAL B 22 8.17 -7.35 25.11
CA VAL B 22 7.41 -6.12 25.28
C VAL B 22 7.86 -5.08 24.27
N THR B 23 9.15 -5.00 24.00
CA THR B 23 9.64 -4.03 23.04
C THR B 23 9.07 -4.30 21.66
N ILE B 24 9.09 -5.57 21.25
CA ILE B 24 8.60 -5.93 19.93
C ILE B 24 7.14 -5.54 19.79
N VAL B 25 6.30 -6.00 20.73
CA VAL B 25 4.90 -5.63 20.75
C VAL B 25 4.75 -4.13 20.66
N ASN B 26 5.57 -3.42 21.43
CA ASN B 26 5.34 -1.99 21.60
C ASN B 26 5.63 -1.25 20.30
N ILE B 27 6.63 -1.70 19.54
CA ILE B 27 6.88 -1.10 18.23
C ILE B 27 5.80 -1.53 17.23
N LEU B 28 5.71 -2.83 16.94
CA LEU B 28 4.95 -3.32 15.79
C LEU B 28 3.45 -3.02 15.89
N THR B 29 2.86 -3.13 17.08
CA THR B 29 1.44 -2.79 17.19
C THR B 29 1.17 -1.30 17.21
N ASN B 30 2.20 -0.46 17.18
CA ASN B 30 2.02 0.99 17.14
C ASN B 30 2.62 1.59 15.88
N ARG B 31 2.58 0.85 14.77
CA ARG B 31 3.01 1.34 13.47
C ARG B 31 1.96 0.95 12.43
N SER B 32 1.87 1.75 11.38
CA SER B 32 0.95 1.41 10.29
C SER B 32 1.44 0.17 9.55
N ASN B 33 0.58 -0.35 8.68
CA ASN B 33 0.99 -1.48 7.87
C ASN B 33 2.12 -1.10 6.93
N ALA B 34 2.10 0.13 6.41
CA ALA B 34 3.18 0.60 5.56
C ALA B 34 4.48 0.74 6.34
N GLN B 35 4.39 1.25 7.56
CA GLN B 35 5.57 1.35 8.41
C GLN B 35 6.09 -0.01 8.87
N ARG B 36 5.21 -0.99 9.02
CA ARG B 36 5.68 -2.33 9.39
C ARG B 36 6.43 -2.98 8.24
N GLN B 37 5.98 -2.74 7.01
CA GLN B 37 6.71 -3.21 5.83
C GLN B 37 8.10 -2.57 5.79
N ASP B 38 8.16 -1.25 5.97
CA ASP B 38 9.44 -0.56 6.05
C ASP B 38 10.36 -1.25 7.04
N ILE B 39 9.84 -1.56 8.23
CA ILE B 39 10.67 -2.15 9.28
C ILE B 39 11.15 -3.53 8.85
N ALA B 40 10.26 -4.32 8.26
CA ALA B 40 10.67 -5.63 7.78
C ALA B 40 11.84 -5.53 6.80
N PHE B 41 11.82 -4.53 5.91
CA PHE B 41 12.86 -4.36 4.90
C PHE B 41 14.18 -3.88 5.53
N ALA B 42 14.11 -2.85 6.36
CA ALA B 42 15.29 -2.42 7.11
C ALA B 42 15.90 -3.57 7.91
N TYR B 43 15.07 -4.41 8.55
CA TYR B 43 15.59 -5.56 9.28
C TYR B 43 16.39 -6.47 8.34
N GLN B 44 15.83 -6.75 7.17
CA GLN B 44 16.51 -7.59 6.19
C GLN B 44 17.85 -6.99 5.77
N ARG B 45 17.91 -5.67 5.59
CA ARG B 45 19.17 -5.06 5.20
C ARG B 45 20.21 -5.23 6.30
N ARG B 46 19.78 -5.08 7.55
CA ARG B 46 20.69 -5.13 8.67
C ARG B 46 21.14 -6.56 8.98
N THR B 47 20.28 -7.55 8.76
CA THR B 47 20.54 -8.91 9.23
C THR B 47 20.57 -9.97 8.14
N LYS B 48 20.24 -9.62 6.90
CA LYS B 48 20.13 -10.61 5.83
C LYS B 48 19.27 -11.79 6.26
N LYS B 49 18.28 -11.49 7.09
CA LYS B 49 17.29 -12.45 7.57
C LYS B 49 15.92 -11.81 7.46
N GLU B 50 14.95 -12.58 6.96
N GLU B 50 14.95 -12.58 6.96
CA GLU B 50 13.58 -12.14 6.96
CA GLU B 50 13.58 -12.14 6.96
C GLU B 50 13.10 -11.89 8.39
C GLU B 50 13.10 -11.89 8.39
N LEU B 51 12.48 -10.73 8.61
CA LEU B 51 11.98 -10.40 9.94
C LEU B 51 10.89 -11.37 10.37
N ALA B 52 10.00 -11.73 9.45
CA ALA B 52 8.94 -12.67 9.82
C ALA B 52 9.50 -14.02 10.25
N SER B 53 10.62 -14.46 9.66
CA SER B 53 11.19 -15.75 10.07
C SER B 53 11.92 -15.64 11.41
N ALA B 54 12.63 -14.53 11.64
CA ALA B 54 13.23 -14.31 12.95
C ALA B 54 12.19 -14.34 14.05
N LEU B 55 11.02 -13.74 13.78
CA LEU B 55 9.97 -13.63 14.79
C LEU B 55 9.19 -14.93 14.94
N LYS B 56 9.07 -15.72 13.87
CA LYS B 56 8.50 -17.06 14.02
C LYS B 56 9.31 -17.88 15.00
N SER B 57 10.63 -17.74 14.96
CA SER B 57 11.48 -18.54 15.83
C SER B 57 11.47 -18.00 17.27
N ALA B 58 11.37 -16.69 17.44
CA ALA B 58 11.55 -16.03 18.73
C ALA B 58 10.27 -15.90 19.56
N LEU B 59 9.08 -15.89 18.96
CA LEU B 59 7.82 -15.82 19.70
C LEU B 59 7.12 -17.18 19.68
N SER B 60 6.08 -17.30 20.49
CA SER B 60 5.28 -18.51 20.50
C SER B 60 3.85 -18.16 20.90
N GLY B 61 2.94 -19.11 20.70
CA GLY B 61 1.57 -18.94 21.14
C GLY B 61 0.80 -17.92 20.32
N HIS B 62 -0.24 -17.38 20.95
CA HIS B 62 -1.09 -16.38 20.29
C HIS B 62 -0.29 -15.15 19.88
N LEU B 63 0.67 -14.73 20.70
CA LEU B 63 1.47 -13.54 20.38
C LEU B 63 2.19 -13.70 19.05
N GLU B 64 2.63 -14.92 18.72
CA GLU B 64 3.23 -15.14 17.42
C GLU B 64 2.22 -14.94 16.30
N THR B 65 0.99 -15.41 16.50
CA THR B 65 -0.04 -15.26 15.47
C THR B 65 -0.33 -13.80 15.16
N VAL B 66 -0.55 -13.01 16.22
CA VAL B 66 -0.76 -11.57 16.07
C VAL B 66 0.37 -10.95 15.25
N ILE B 67 1.61 -11.16 15.70
CA ILE B 67 2.74 -10.45 15.14
C ILE B 67 2.98 -10.87 13.68
N LEU B 68 2.89 -12.17 13.39
CA LEU B 68 3.15 -12.65 12.02
C LEU B 68 2.10 -12.15 11.05
N GLY B 69 0.84 -12.05 11.49
CA GLY B 69 -0.18 -11.45 10.65
C GLY B 69 0.08 -9.97 10.41
N LEU B 70 0.53 -9.26 11.45
CA LEU B 70 0.83 -7.84 11.33
C LEU B 70 1.93 -7.56 10.33
N LEU B 71 2.81 -8.51 10.09
CA LEU B 71 3.91 -8.31 9.17
C LEU B 71 3.53 -8.57 7.71
N LYS B 72 2.26 -8.86 7.44
CA LYS B 72 1.71 -8.99 6.09
C LYS B 72 0.94 -7.75 5.70
N THR B 73 0.84 -7.51 4.38
CA THR B 73 0.00 -6.42 3.88
C THR B 73 -1.46 -6.76 4.15
N PRO B 74 -2.38 -5.83 3.92
CA PRO B 74 -3.79 -6.18 4.11
C PRO B 74 -4.27 -7.28 3.17
N ALA B 75 -3.92 -7.28 1.90
CA ALA B 75 -4.38 -8.35 1.02
C ALA B 75 -3.65 -9.67 1.25
N GLN B 76 -2.37 -9.63 1.64
CA GLN B 76 -1.63 -10.85 1.98
C GLN B 76 -2.22 -11.53 3.21
N TYR B 77 -2.60 -10.77 4.21
CA TYR B 77 -3.12 -11.41 5.40
C TYR B 77 -4.47 -12.05 5.12
N ASP B 78 -5.35 -11.31 4.44
CA ASP B 78 -6.67 -11.85 4.17
C ASP B 78 -6.58 -13.09 3.31
N ALA B 79 -5.62 -13.10 2.38
CA ALA B 79 -5.48 -14.26 1.50
C ALA B 79 -4.94 -15.46 2.26
N SER B 80 -3.96 -15.25 3.14
CA SER B 80 -3.46 -16.37 3.93
C SER B 80 -4.53 -16.88 4.88
N GLU B 81 -5.43 -16.01 5.33
CA GLU B 81 -6.53 -16.51 6.15
C GLU B 81 -7.59 -17.21 5.33
N LEU B 82 -7.83 -16.75 4.11
CA LEU B 82 -8.71 -17.50 3.22
C LEU B 82 -8.13 -18.87 2.90
N LYS B 83 -6.84 -18.93 2.57
CA LYS B 83 -6.18 -20.21 2.34
C LYS B 83 -6.23 -21.11 3.57
N ALA B 84 -5.96 -20.55 4.75
CA ALA B 84 -6.00 -21.38 5.96
C ALA B 84 -7.41 -21.97 6.18
N SER B 85 -8.44 -21.21 5.88
CA SER B 85 -9.82 -21.67 6.10
C SER B 85 -10.20 -22.84 5.23
N MET B 86 -9.46 -23.07 4.15
CA MET B 86 -9.78 -24.06 3.15
C MET B 86 -8.74 -25.16 3.10
N LYS B 87 -7.60 -24.96 3.77
CA LYS B 87 -6.59 -25.99 3.86
C LYS B 87 -7.11 -27.13 4.72
N GLY B 88 -6.66 -28.34 4.43
CA GLY B 88 -7.05 -29.49 5.20
C GLY B 88 -8.26 -30.21 4.63
N LEU B 89 -8.92 -30.98 5.50
CA LEU B 89 -10.07 -31.78 5.11
C LEU B 89 -11.41 -31.08 5.34
N GLY B 90 -11.52 -30.29 6.40
CA GLY B 90 -12.69 -29.46 6.58
C GLY B 90 -12.55 -28.15 5.84
N THR B 91 -13.60 -27.35 5.93
CA THR B 91 -13.54 -25.94 5.60
C THR B 91 -14.03 -25.20 6.83
N ASP B 92 -13.27 -24.20 7.25
CA ASP B 92 -13.71 -23.23 8.24
C ASP B 92 -14.64 -22.25 7.52
N GLU B 93 -15.87 -22.73 7.28
CA GLU B 93 -16.85 -21.90 6.60
C GLU B 93 -17.07 -20.62 7.36
N ASP B 94 -17.06 -20.72 8.68
CA ASP B 94 -17.23 -19.56 9.54
C ASP B 94 -16.26 -18.44 9.15
N SER B 95 -14.97 -18.78 8.95
CA SER B 95 -13.98 -17.78 8.62
C SER B 95 -14.03 -17.38 7.15
N LEU B 96 -14.34 -18.32 6.27
CA LEU B 96 -14.68 -17.98 4.89
C LEU B 96 -15.73 -16.88 4.83
N ILE B 97 -16.85 -17.09 5.51
CA ILE B 97 -17.97 -16.15 5.46
C ILE B 97 -17.54 -14.77 5.97
N GLU B 98 -16.82 -14.72 7.10
CA GLU B 98 -16.40 -13.44 7.65
C GLU B 98 -15.58 -12.63 6.66
N ILE B 99 -14.63 -13.27 5.99
CA ILE B 99 -13.76 -12.52 5.10
C ILE B 99 -14.50 -12.09 3.86
N ILE B 100 -15.21 -13.02 3.22
CA ILE B 100 -15.81 -12.71 1.93
C ILE B 100 -16.97 -11.73 2.10
N CYS B 101 -17.75 -11.86 3.17
CA CYS B 101 -18.93 -11.02 3.33
C CYS B 101 -18.60 -9.58 3.71
N SER B 102 -17.37 -9.29 4.16
CA SER B 102 -17.11 -8.05 4.83
C SER B 102 -16.08 -7.22 4.12
N ARG B 103 -15.60 -7.67 2.97
CA ARG B 103 -14.58 -6.96 2.22
C ARG B 103 -15.25 -6.18 1.09
N THR B 104 -14.58 -5.13 0.65
CA THR B 104 -15.15 -4.36 -0.44
C THR B 104 -14.66 -4.88 -1.78
N ASN B 105 -15.26 -4.38 -2.87
CA ASN B 105 -14.80 -4.68 -4.22
C ASN B 105 -13.29 -4.49 -4.37
N GLN B 106 -12.80 -3.31 -3.95
CA GLN B 106 -11.38 -3.04 -4.09
C GLN B 106 -10.57 -4.01 -3.23
N GLU B 107 -10.99 -4.21 -1.99
CA GLU B 107 -10.34 -5.23 -1.16
C GLU B 107 -10.43 -6.62 -1.82
N LEU B 108 -11.58 -6.96 -2.41
CA LEU B 108 -11.71 -8.29 -3.00
C LEU B 108 -10.88 -8.46 -4.26
N GLN B 109 -10.72 -7.39 -5.04
CA GLN B 109 -9.95 -7.54 -6.28
C GLN B 109 -8.46 -7.73 -5.98
N GLU B 110 -7.95 -7.02 -4.98
CA GLU B 110 -6.56 -7.22 -4.57
C GLU B 110 -6.36 -8.59 -3.94
N ILE B 111 -7.33 -9.06 -3.17
CA ILE B 111 -7.21 -10.38 -2.56
C ILE B 111 -7.16 -11.46 -3.65
N ASN B 112 -8.07 -11.41 -4.62
CA ASN B 112 -7.98 -12.34 -5.74
C ASN B 112 -6.62 -12.27 -6.41
N ARG B 113 -6.09 -11.07 -6.65
CA ARG B 113 -4.79 -10.96 -7.32
C ARG B 113 -3.66 -11.52 -6.46
N VAL B 114 -3.66 -11.19 -5.17
CA VAL B 114 -2.53 -11.59 -4.35
C VAL B 114 -2.63 -13.07 -3.96
N TYR B 115 -3.83 -13.63 -3.85
CA TYR B 115 -3.99 -15.06 -3.65
C TYR B 115 -3.30 -15.86 -4.76
N LYS B 116 -3.45 -15.42 -6.00
CA LYS B 116 -2.86 -16.16 -7.12
C LYS B 116 -1.34 -16.06 -7.11
N GLU B 117 -0.79 -14.86 -6.81
CA GLU B 117 0.65 -14.68 -6.65
C GLU B 117 1.21 -15.63 -5.61
N MET B 118 0.51 -15.79 -4.48
CA MET B 118 1.04 -16.49 -3.32
C MET B 118 0.96 -17.99 -3.46
N TYR B 119 -0.19 -18.50 -3.92
CA TYR B 119 -0.53 -19.92 -3.86
C TYR B 119 -0.68 -20.59 -5.21
N LYS B 120 -0.76 -19.83 -6.31
CA LYS B 120 -0.65 -20.27 -7.69
C LYS B 120 -1.96 -20.85 -8.25
N THR B 121 -2.96 -21.14 -7.42
CA THR B 121 -4.32 -21.31 -7.89
C THR B 121 -5.09 -20.00 -7.76
N ASP B 122 -6.25 -19.94 -8.41
CA ASP B 122 -7.18 -18.83 -8.24
C ASP B 122 -8.02 -19.03 -6.98
N LEU B 123 -8.30 -17.93 -6.28
CA LEU B 123 -9.16 -18.03 -5.10
C LEU B 123 -10.51 -18.62 -5.47
N GLU B 124 -11.07 -18.22 -6.62
CA GLU B 124 -12.33 -18.79 -7.05
C GLU B 124 -12.26 -20.30 -7.17
N LYS B 125 -11.23 -20.82 -7.84
CA LYS B 125 -11.16 -22.27 -8.00
C LYS B 125 -11.07 -22.96 -6.65
N ASP B 126 -10.31 -22.37 -5.73
CA ASP B 126 -10.18 -22.97 -4.39
C ASP B 126 -11.52 -23.00 -3.67
N ILE B 127 -12.33 -21.93 -3.80
CA ILE B 127 -13.64 -21.90 -3.16
C ILE B 127 -14.53 -22.99 -3.75
N ILE B 128 -14.59 -23.07 -5.08
CA ILE B 128 -15.44 -24.04 -5.75
C ILE B 128 -15.16 -25.46 -5.25
N SER B 129 -13.88 -25.85 -5.11
CA SER B 129 -13.54 -27.21 -4.71
C SER B 129 -13.54 -27.43 -3.21
N ASP B 130 -14.06 -26.51 -2.42
CA ASP B 130 -14.10 -26.66 -0.97
C ASP B 130 -15.47 -26.39 -0.39
N THR B 131 -16.39 -25.86 -1.17
CA THR B 131 -17.75 -25.61 -0.78
C THR B 131 -18.64 -26.33 -1.79
N SER B 132 -19.94 -26.34 -1.52
CA SER B 132 -20.88 -27.00 -2.41
C SER B 132 -22.23 -26.33 -2.28
N GLY B 133 -23.14 -26.70 -3.20
CA GLY B 133 -24.52 -26.27 -3.12
C GLY B 133 -24.69 -24.77 -3.37
N ASP B 134 -25.78 -24.25 -2.81
CA ASP B 134 -26.04 -22.82 -2.89
C ASP B 134 -25.02 -22.01 -2.11
N PHE B 135 -24.46 -22.59 -1.04
CA PHE B 135 -23.37 -21.92 -0.32
C PHE B 135 -22.20 -21.59 -1.25
N ARG B 136 -21.93 -22.46 -2.23
CA ARG B 136 -20.83 -22.18 -3.16
C ARG B 136 -21.19 -21.10 -4.17
N LYS B 137 -22.40 -21.18 -4.75
CA LYS B 137 -22.91 -20.11 -5.61
C LYS B 137 -22.78 -18.75 -4.94
N LEU B 138 -23.30 -18.63 -3.71
CA LEU B 138 -23.23 -17.37 -2.99
C LEU B 138 -21.78 -16.93 -2.80
N MET B 139 -20.94 -17.83 -2.30
CA MET B 139 -19.54 -17.50 -2.03
C MET B 139 -18.79 -17.12 -3.30
N VAL B 140 -19.01 -17.86 -4.39
CA VAL B 140 -18.34 -17.57 -5.66
C VAL B 140 -18.71 -16.16 -6.12
N ALA B 141 -19.99 -15.81 -6.04
CA ALA B 141 -20.44 -14.51 -6.53
C ALA B 141 -19.86 -13.37 -5.69
N LEU B 142 -19.92 -13.50 -4.37
CA LEU B 142 -19.37 -12.46 -3.49
C LEU B 142 -17.89 -12.25 -3.75
N ALA B 143 -17.12 -13.33 -3.89
CA ALA B 143 -15.67 -13.20 -3.94
C ALA B 143 -15.16 -12.48 -5.18
N LYS B 144 -15.95 -12.40 -6.26
CA LYS B 144 -15.50 -11.68 -7.45
C LYS B 144 -15.30 -10.18 -7.17
N GLY B 145 -16.09 -9.61 -6.28
CA GLY B 145 -15.94 -8.21 -5.92
C GLY B 145 -16.36 -7.29 -7.04
N ARG B 146 -17.51 -7.57 -7.64
CA ARG B 146 -17.99 -6.80 -8.77
C ARG B 146 -19.39 -6.27 -8.53
N ARG B 147 -19.75 -6.12 -7.26
CA ARG B 147 -21.00 -5.47 -6.88
C ARG B 147 -21.10 -4.09 -7.55
N ALA B 148 -22.32 -3.74 -7.96
CA ALA B 148 -22.56 -2.41 -8.51
C ALA B 148 -22.13 -1.32 -7.52
N GLU B 149 -21.41 -0.32 -8.01
CA GLU B 149 -21.11 0.83 -7.18
C GLU B 149 -22.28 1.79 -7.24
N ASP B 150 -22.56 2.44 -6.12
CA ASP B 150 -23.79 3.23 -6.03
C ASP B 150 -23.80 4.35 -7.06
N GLY B 151 -24.92 4.50 -7.77
CA GLY B 151 -25.11 5.65 -8.64
C GLY B 151 -25.22 6.97 -7.90
N SER B 152 -25.52 8.04 -8.62
CA SER B 152 -25.74 9.33 -8.01
C SER B 152 -27.21 9.63 -7.80
N VAL B 153 -28.10 8.91 -8.49
CA VAL B 153 -29.54 9.04 -8.36
C VAL B 153 -30.11 7.78 -7.73
N ILE B 154 -31.00 7.95 -6.77
CA ILE B 154 -31.58 6.80 -6.10
C ILE B 154 -32.66 6.19 -6.98
N ASP B 155 -32.72 4.86 -6.99
CA ASP B 155 -33.61 4.10 -7.87
C ASP B 155 -34.75 3.46 -7.06
N TYR B 156 -35.71 4.31 -6.70
CA TYR B 156 -36.78 3.88 -5.82
C TYR B 156 -37.60 2.77 -6.46
N GLU B 157 -37.84 2.86 -7.76
CA GLU B 157 -38.63 1.81 -8.40
C GLU B 157 -37.95 0.47 -8.29
N LEU B 158 -36.63 0.45 -8.42
CA LEU B 158 -35.87 -0.78 -8.27
C LEU B 158 -35.75 -1.22 -6.83
N ILE B 159 -35.65 -0.28 -5.90
CA ILE B 159 -35.74 -0.64 -4.49
C ILE B 159 -37.05 -1.38 -4.22
N ASP B 160 -38.17 -0.86 -4.72
CA ASP B 160 -39.44 -1.56 -4.45
C ASP B 160 -39.46 -2.93 -5.11
N GLN B 161 -39.05 -3.00 -6.39
CA GLN B 161 -39.07 -4.28 -7.09
C GLN B 161 -38.19 -5.32 -6.41
N ASP B 162 -36.98 -4.93 -5.99
CA ASP B 162 -36.10 -5.89 -5.33
C ASP B 162 -36.73 -6.39 -4.04
N ALA B 163 -37.36 -5.47 -3.27
CA ALA B 163 -38.06 -5.87 -2.05
C ALA B 163 -39.18 -6.87 -2.32
N ARG B 164 -39.99 -6.65 -3.37
CA ARG B 164 -41.00 -7.64 -3.71
C ARG B 164 -40.36 -8.97 -4.12
N ASP B 165 -39.25 -8.92 -4.85
CA ASP B 165 -38.68 -10.15 -5.37
C ASP B 165 -38.11 -11.02 -4.25
N LEU B 166 -37.45 -10.39 -3.28
CA LEU B 166 -36.96 -11.12 -2.12
C LEU B 166 -38.12 -11.72 -1.33
N TYR B 167 -39.24 -11.01 -1.27
CA TYR B 167 -40.44 -11.54 -0.62
C TYR B 167 -41.00 -12.72 -1.39
N ASP B 168 -41.29 -12.52 -2.69
CA ASP B 168 -41.81 -13.57 -3.56
C ASP B 168 -40.94 -14.81 -3.51
N ALA B 169 -39.61 -14.62 -3.52
CA ALA B 169 -38.66 -15.73 -3.57
C ALA B 169 -38.58 -16.51 -2.26
N GLY B 170 -38.96 -15.88 -1.15
CA GLY B 170 -38.82 -16.54 0.14
C GLY B 170 -40.11 -16.76 0.89
N VAL B 171 -40.43 -15.82 1.79
CA VAL B 171 -41.43 -16.05 2.80
C VAL B 171 -42.84 -16.25 2.22
N LYS B 172 -43.12 -15.64 1.08
CA LYS B 172 -44.45 -15.69 0.48
C LYS B 172 -44.73 -16.98 -0.29
N ARG B 173 -43.84 -17.96 -0.28
CA ARG B 173 -44.00 -19.14 -1.11
C ARG B 173 -43.57 -20.36 -0.32
N LYS B 174 -43.65 -21.54 -0.95
CA LYS B 174 -43.11 -22.77 -0.38
C LYS B 174 -41.73 -23.02 -0.97
N GLY B 175 -40.78 -23.45 -0.11
CA GLY B 175 -39.40 -23.57 -0.54
C GLY B 175 -38.83 -22.18 -0.79
N THR B 176 -37.63 -22.14 -1.38
CA THR B 176 -37.00 -20.85 -1.65
C THR B 176 -36.47 -20.79 -3.07
N ASP B 177 -36.51 -19.58 -3.62
CA ASP B 177 -35.82 -19.24 -4.85
C ASP B 177 -34.48 -18.61 -4.49
N VAL B 178 -33.61 -19.43 -3.92
CA VAL B 178 -32.29 -19.01 -3.43
C VAL B 178 -31.49 -18.29 -4.51
N PRO B 179 -31.49 -18.75 -5.78
CA PRO B 179 -30.76 -17.97 -6.81
C PRO B 179 -31.16 -16.50 -6.87
N LYS B 180 -32.45 -16.20 -6.68
CA LYS B 180 -32.89 -14.81 -6.76
C LYS B 180 -32.37 -13.98 -5.57
N TRP B 181 -32.14 -14.64 -4.43
CA TRP B 181 -31.50 -13.97 -3.31
C TRP B 181 -30.05 -13.68 -3.59
N ILE B 182 -29.35 -14.62 -4.25
CA ILE B 182 -27.94 -14.42 -4.54
C ILE B 182 -27.75 -13.26 -5.52
N SER B 183 -28.60 -13.17 -6.54
CA SER B 183 -28.47 -12.09 -7.52
C SER B 183 -28.61 -10.74 -6.84
N ILE B 184 -29.79 -10.51 -6.25
CA ILE B 184 -30.11 -9.23 -5.63
C ILE B 184 -29.02 -8.83 -4.65
N MET B 185 -28.59 -9.77 -3.84
CA MET B 185 -27.76 -9.49 -2.66
C MET B 185 -26.26 -9.44 -2.94
N THR B 186 -25.80 -9.99 -4.07
CA THR B 186 -24.41 -9.83 -4.44
C THR B 186 -24.23 -8.78 -5.53
N GLU B 187 -25.28 -8.45 -6.28
CA GLU B 187 -25.13 -7.53 -7.40
C GLU B 187 -25.50 -6.09 -7.06
N ARG B 188 -26.53 -5.85 -6.26
CA ARG B 188 -26.95 -4.47 -6.02
C ARG B 188 -25.96 -3.79 -5.09
N SER B 189 -25.86 -2.46 -5.24
CA SER B 189 -24.97 -1.67 -4.41
C SER B 189 -25.40 -1.73 -2.94
N VAL B 190 -24.42 -1.62 -2.04
CA VAL B 190 -24.70 -1.66 -0.61
C VAL B 190 -25.76 -0.63 -0.21
N PRO B 191 -25.63 0.66 -0.59
CA PRO B 191 -26.68 1.63 -0.20
C PRO B 191 -28.03 1.31 -0.80
N HIS B 192 -28.04 0.73 -2.00
CA HIS B 192 -29.31 0.31 -2.56
C HIS B 192 -29.94 -0.80 -1.72
N LEU B 193 -29.16 -1.78 -1.28
CA LEU B 193 -29.73 -2.91 -0.52
C LEU B 193 -30.17 -2.52 0.89
N GLN B 194 -29.53 -1.51 1.48
CA GLN B 194 -30.02 -0.97 2.74
C GLN B 194 -31.45 -0.48 2.55
N LYS B 195 -31.67 0.36 1.55
CA LYS B 195 -33.04 0.80 1.29
C LYS B 195 -33.94 -0.37 0.93
N VAL B 196 -33.42 -1.34 0.18
CA VAL B 196 -34.18 -2.55 -0.09
C VAL B 196 -34.57 -3.23 1.21
N PHE B 197 -33.64 -3.36 2.15
CA PHE B 197 -34.01 -4.06 3.38
C PHE B 197 -35.07 -3.30 4.16
N ASP B 198 -35.10 -1.96 4.11
CA ASP B 198 -36.21 -1.26 4.78
C ASP B 198 -37.51 -1.47 4.04
N ARG B 199 -37.52 -1.23 2.72
CA ARG B 199 -38.71 -1.49 1.90
C ARG B 199 -39.21 -2.93 2.07
N TYR B 200 -38.29 -3.89 2.21
CA TYR B 200 -38.69 -5.27 2.44
C TYR B 200 -39.66 -5.41 3.61
N LYS B 201 -39.46 -4.61 4.65
CA LYS B 201 -40.31 -4.73 5.82
C LYS B 201 -41.71 -4.22 5.56
N SER B 202 -41.89 -3.45 4.50
CA SER B 202 -43.23 -2.99 4.14
C SER B 202 -44.10 -4.15 3.67
N TYR B 203 -43.51 -5.14 3.00
CA TYR B 203 -44.28 -6.27 2.50
C TYR B 203 -44.33 -7.45 3.47
N SER B 204 -43.30 -7.63 4.30
CA SER B 204 -43.12 -8.88 5.01
C SER B 204 -43.30 -8.69 6.51
N PRO B 205 -44.04 -9.59 7.18
CA PRO B 205 -44.12 -9.53 8.65
C PRO B 205 -42.80 -9.81 9.36
N TYR B 206 -41.75 -10.22 8.66
CA TYR B 206 -40.43 -10.41 9.22
C TYR B 206 -39.43 -9.53 8.48
N ASP B 207 -38.40 -9.08 9.20
CA ASP B 207 -37.33 -8.33 8.53
C ASP B 207 -36.38 -9.30 7.82
N MET B 208 -35.32 -8.75 7.22
CA MET B 208 -34.42 -9.58 6.41
C MET B 208 -33.77 -10.70 7.20
N LEU B 209 -33.25 -10.41 8.41
CA LEU B 209 -32.60 -11.47 9.20
C LEU B 209 -33.59 -12.55 9.64
N GLU B 210 -34.72 -12.16 10.21
CA GLU B 210 -35.70 -13.17 10.59
C GLU B 210 -36.13 -14.00 9.39
N SER B 211 -36.33 -13.34 8.23
CA SER B 211 -36.70 -14.07 7.02
C SER B 211 -35.63 -15.10 6.61
N ILE B 212 -34.34 -14.79 6.84
CA ILE B 212 -33.29 -15.74 6.47
C ILE B 212 -33.29 -16.95 7.40
N ARG B 213 -33.37 -16.71 8.71
CA ARG B 213 -33.51 -17.82 9.66
C ARG B 213 -34.72 -18.69 9.33
N LYS B 214 -35.81 -18.10 8.85
CA LYS B 214 -37.02 -18.87 8.59
C LYS B 214 -36.97 -19.64 7.27
N GLU B 215 -35.96 -19.44 6.44
CA GLU B 215 -36.01 -19.98 5.09
C GLU B 215 -34.88 -20.93 4.71
N VAL B 216 -33.71 -20.82 5.33
CA VAL B 216 -32.56 -21.64 4.98
C VAL B 216 -31.84 -22.04 6.25
N LYS B 217 -30.96 -23.02 6.11
CA LYS B 217 -30.26 -23.62 7.24
C LYS B 217 -28.78 -23.69 6.91
N GLY B 218 -27.99 -23.92 7.94
CA GLY B 218 -26.61 -24.34 7.73
C GLY B 218 -25.68 -23.20 7.33
N ASP B 219 -24.69 -23.56 6.53
CA ASP B 219 -23.73 -22.56 6.07
C ASP B 219 -24.42 -21.50 5.25
N LEU B 220 -25.40 -21.92 4.44
CA LEU B 220 -26.14 -20.97 3.64
C LEU B 220 -26.83 -19.93 4.51
N GLU B 221 -27.37 -20.35 5.66
CA GLU B 221 -28.04 -19.41 6.55
C GLU B 221 -27.04 -18.51 7.24
N ASN B 222 -25.94 -19.06 7.73
CA ASN B 222 -24.90 -18.22 8.32
C ASN B 222 -24.32 -17.25 7.30
N ALA B 223 -24.19 -17.68 6.05
CA ALA B 223 -23.62 -16.79 5.04
C ALA B 223 -24.53 -15.58 4.78
N PHE B 224 -25.83 -15.82 4.53
CA PHE B 224 -26.77 -14.70 4.32
C PHE B 224 -26.86 -13.82 5.56
N LEU B 225 -26.82 -14.43 6.75
CA LEU B 225 -26.98 -13.67 7.98
C LEU B 225 -25.83 -12.69 8.16
N ASN B 226 -24.60 -13.16 7.95
CA ASN B 226 -23.43 -12.28 7.98
C ASN B 226 -23.48 -11.24 6.87
N LEU B 227 -24.01 -11.61 5.70
CA LEU B 227 -24.02 -10.68 4.59
C LEU B 227 -24.97 -9.52 4.86
N VAL B 228 -26.19 -9.82 5.33
CA VAL B 228 -27.15 -8.76 5.63
C VAL B 228 -26.61 -7.85 6.72
N GLN B 229 -25.90 -8.42 7.71
CA GLN B 229 -25.31 -7.61 8.76
C GLN B 229 -24.20 -6.71 8.21
N CYS B 230 -23.43 -7.21 7.23
CA CYS B 230 -22.37 -6.37 6.67
C CYS B 230 -22.91 -5.28 5.77
N ILE B 231 -24.02 -5.55 5.06
CA ILE B 231 -24.69 -4.49 4.30
C ILE B 231 -25.27 -3.44 5.24
N GLN B 232 -25.91 -3.86 6.32
CA GLN B 232 -26.62 -2.91 7.17
C GLN B 232 -25.65 -2.00 7.94
N ASN B 233 -24.72 -2.58 8.71
CA ASN B 233 -23.78 -1.82 9.55
C ASN B 233 -22.55 -2.69 9.74
N LYS B 234 -21.50 -2.45 8.95
CA LYS B 234 -20.35 -3.35 9.00
C LYS B 234 -19.58 -3.25 10.32
N PRO B 235 -19.33 -2.04 10.86
CA PRO B 235 -18.68 -1.99 12.20
C PRO B 235 -19.49 -2.68 13.29
N LEU B 236 -20.82 -2.55 13.27
CA LEU B 236 -21.58 -3.27 14.27
C LEU B 236 -21.42 -4.76 14.10
N TYR B 237 -21.25 -5.22 12.87
CA TYR B 237 -21.08 -6.63 12.65
C TYR B 237 -19.76 -7.12 13.23
N PHE B 238 -18.68 -6.37 13.02
CA PHE B 238 -17.41 -6.78 13.63
C PHE B 238 -17.48 -6.67 15.14
N ALA B 239 -18.21 -5.69 15.69
CA ALA B 239 -18.35 -5.58 17.15
C ALA B 239 -19.09 -6.79 17.73
N ASP B 240 -20.16 -7.23 17.07
CA ASP B 240 -20.89 -8.42 17.52
C ASP B 240 -20.03 -9.66 17.47
N ARG B 241 -19.20 -9.80 16.41
CA ARG B 241 -18.31 -10.95 16.33
C ARG B 241 -17.22 -10.92 17.40
N LEU B 242 -16.70 -9.73 17.72
CA LEU B 242 -15.71 -9.60 18.80
C LEU B 242 -16.31 -10.01 20.14
N TYR B 243 -17.52 -9.55 20.42
CA TYR B 243 -18.21 -9.97 21.64
C TYR B 243 -18.35 -11.49 21.68
N ASP B 244 -18.90 -12.08 20.61
CA ASP B 244 -19.07 -13.55 20.56
C ASP B 244 -17.75 -14.27 20.78
N SER B 245 -16.65 -13.74 20.24
CA SER B 245 -15.34 -14.36 20.41
C SER B 245 -14.87 -14.36 21.87
N MET B 246 -15.51 -13.58 22.75
CA MET B 246 -15.00 -13.37 24.10
C MET B 246 -16.01 -13.58 25.20
N LYS B 247 -17.30 -13.72 24.89
CA LYS B 247 -18.34 -13.53 25.89
C LYS B 247 -18.49 -14.70 26.85
N GLY B 248 -18.13 -15.93 26.46
CA GLY B 248 -18.30 -17.10 27.32
C GLY B 248 -17.03 -17.77 27.78
N LYS B 249 -17.04 -19.11 27.86
CA LYS B 249 -15.88 -19.89 28.30
C LYS B 249 -14.72 -19.67 27.33
N GLY B 250 -13.58 -19.25 27.87
CA GLY B 250 -12.46 -19.09 26.94
C GLY B 250 -12.65 -18.03 25.86
N THR B 251 -11.88 -18.19 24.79
CA THR B 251 -11.80 -17.19 23.75
C THR B 251 -11.66 -17.90 22.40
N ARG B 252 -12.41 -17.45 21.40
CA ARG B 252 -12.12 -17.85 20.02
C ARG B 252 -10.97 -16.97 19.56
N ASP B 253 -9.76 -17.34 19.98
CA ASP B 253 -8.61 -16.48 19.76
C ASP B 253 -8.38 -16.19 18.28
N LYS B 254 -8.73 -17.14 17.41
CA LYS B 254 -8.46 -16.93 15.99
C LYS B 254 -9.28 -15.77 15.44
N VAL B 255 -10.51 -15.63 15.91
CA VAL B 255 -11.39 -14.56 15.44
C VAL B 255 -10.98 -13.23 16.04
N LEU B 256 -10.77 -13.20 17.35
CA LEU B 256 -10.27 -11.99 18.02
C LEU B 256 -9.04 -11.43 17.32
N ILE B 257 -8.06 -12.29 17.04
CA ILE B 257 -6.83 -11.83 16.40
C ILE B 257 -7.10 -11.28 15.00
N ARG B 258 -7.88 -12.01 14.20
CA ARG B 258 -8.11 -11.61 12.81
C ARG B 258 -8.81 -10.26 12.72
N ILE B 259 -9.94 -10.10 13.40
CA ILE B 259 -10.65 -8.82 13.39
C ILE B 259 -9.74 -7.69 13.87
N MET B 260 -9.04 -7.88 14.99
CA MET B 260 -8.19 -6.80 15.53
C MET B 260 -7.06 -6.46 14.56
N ALA B 261 -6.42 -7.47 13.98
CA ALA B 261 -5.31 -7.20 13.07
C ALA B 261 -5.81 -6.56 11.78
N SER B 262 -6.86 -7.13 11.18
CA SER B 262 -7.32 -6.64 9.89
C SER B 262 -8.20 -5.40 10.00
N ARG B 263 -8.84 -5.15 11.14
CA ARG B 263 -9.68 -3.97 11.21
C ARG B 263 -9.02 -2.77 11.90
N SER B 264 -7.83 -2.93 12.47
CA SER B 264 -7.30 -1.88 13.35
C SER B 264 -7.08 -0.59 12.59
N GLU B 265 -6.50 -0.69 11.39
CA GLU B 265 -6.23 0.43 10.53
C GLU B 265 -7.38 0.79 9.60
N VAL B 266 -8.46 0.01 9.58
CA VAL B 266 -9.59 0.31 8.71
C VAL B 266 -10.64 1.09 9.49
N ASP B 267 -11.41 0.41 10.35
CA ASP B 267 -12.53 1.11 10.99
C ASP B 267 -12.60 0.78 12.47
N MET B 268 -11.45 0.72 13.15
CA MET B 268 -11.44 0.32 14.54
C MET B 268 -12.28 1.26 15.41
N LEU B 269 -12.28 2.56 15.10
CA LEU B 269 -12.99 3.51 15.97
C LEU B 269 -14.50 3.35 15.86
N LYS B 270 -15.00 3.22 14.64
CA LYS B 270 -16.40 2.87 14.44
C LYS B 270 -16.77 1.59 15.20
N ILE B 271 -15.91 0.56 15.12
CA ILE B 271 -16.16 -0.70 15.83
C ILE B 271 -16.28 -0.44 17.33
N ARG B 272 -15.32 0.28 17.92
CA ARG B 272 -15.34 0.55 19.36
C ARG B 272 -16.57 1.33 19.76
N SER B 273 -16.99 2.25 18.91
CA SER B 273 -18.18 3.05 19.18
C SER B 273 -19.44 2.18 19.18
N GLU B 274 -19.62 1.32 18.17
CA GLU B 274 -20.78 0.44 18.21
C GLU B 274 -20.68 -0.56 19.37
N PHE B 275 -19.50 -1.12 19.62
CA PHE B 275 -19.37 -2.06 20.73
C PHE B 275 -19.74 -1.40 22.05
N LYS B 276 -19.27 -0.17 22.28
CA LYS B 276 -19.54 0.50 23.54
C LYS B 276 -21.03 0.76 23.72
N ARG B 277 -21.68 1.24 22.67
CA ARG B 277 -23.09 1.62 22.77
C ARG B 277 -24.01 0.42 22.96
N LYS B 278 -23.67 -0.74 22.41
CA LYS B 278 -24.52 -1.91 22.62
C LYS B 278 -24.21 -2.63 23.93
N TYR B 279 -22.94 -2.75 24.29
CA TYR B 279 -22.59 -3.60 25.42
C TYR B 279 -22.32 -2.82 26.70
N GLY B 280 -22.24 -1.50 26.64
CA GLY B 280 -21.99 -0.68 27.82
C GLY B 280 -20.54 -0.53 28.25
N LYS B 281 -19.77 -1.61 28.15
CA LYS B 281 -18.33 -1.59 28.38
C LYS B 281 -17.58 -1.47 27.07
N SER B 282 -16.40 -0.88 27.13
CA SER B 282 -15.57 -0.75 25.95
C SER B 282 -15.07 -2.11 25.45
N LEU B 283 -14.72 -2.15 24.17
CA LEU B 283 -13.96 -3.26 23.61
C LEU B 283 -12.68 -3.51 24.40
N TYR B 284 -11.97 -2.43 24.73
CA TYR B 284 -10.78 -2.52 25.57
C TYR B 284 -11.04 -3.37 26.80
N TYR B 285 -12.12 -3.07 27.51
CA TYR B 285 -12.45 -3.81 28.70
C TYR B 285 -12.53 -5.32 28.45
N TYR B 286 -13.34 -5.75 27.48
CA TYR B 286 -13.54 -7.18 27.27
C TYR B 286 -12.25 -7.89 26.94
N ILE B 287 -11.40 -7.28 26.11
CA ILE B 287 -10.10 -7.85 25.78
C ILE B 287 -9.23 -7.97 27.02
N GLN B 288 -9.27 -6.96 27.89
CA GLN B 288 -8.58 -7.05 29.18
C GLN B 288 -9.03 -8.27 29.97
N GLN B 289 -10.34 -8.51 30.04
CA GLN B 289 -10.85 -9.58 30.88
C GLN B 289 -10.62 -10.96 30.29
N ASP B 290 -10.37 -11.06 29.00
CA ASP B 290 -10.27 -12.38 28.38
C ASP B 290 -8.84 -12.87 28.15
N THR B 291 -7.88 -11.97 28.01
CA THR B 291 -6.54 -12.35 27.60
C THR B 291 -5.54 -11.91 28.67
N LYS B 292 -4.28 -12.31 28.49
CA LYS B 292 -3.25 -12.06 29.50
C LYS B 292 -1.89 -11.88 28.83
N GLY B 293 -1.05 -11.05 29.46
CA GLY B 293 0.35 -11.01 29.08
C GLY B 293 0.65 -10.10 27.91
N ASP B 294 1.80 -10.38 27.26
CA ASP B 294 2.20 -9.63 26.08
C ASP B 294 1.10 -9.68 25.03
N TYR B 295 0.48 -10.85 24.88
CA TYR B 295 -0.64 -11.05 23.98
C TYR B 295 -1.72 -9.99 24.21
N GLN B 296 -2.02 -9.68 25.47
CA GLN B 296 -3.07 -8.70 25.77
C GLN B 296 -2.65 -7.28 25.36
N LYS B 297 -1.45 -6.86 25.77
CA LYS B 297 -0.96 -5.55 25.39
C LYS B 297 -0.94 -5.39 23.88
N ALA B 298 -0.70 -6.48 23.14
CA ALA B 298 -0.76 -6.40 21.69
C ALA B 298 -2.18 -6.12 21.22
N LEU B 299 -3.17 -6.87 21.71
CA LEU B 299 -4.53 -6.63 21.27
C LEU B 299 -5.02 -5.29 21.77
N LEU B 300 -4.65 -4.92 22.99
CA LEU B 300 -5.01 -3.60 23.50
C LEU B 300 -4.46 -2.49 22.63
N TYR B 301 -3.20 -2.64 22.20
CA TYR B 301 -2.59 -1.64 21.32
C TYR B 301 -3.32 -1.56 19.98
N LEU B 302 -3.61 -2.71 19.38
CA LEU B 302 -4.40 -2.69 18.15
C LEU B 302 -5.80 -2.17 18.40
N CYS B 303 -6.33 -2.31 19.61
CA CYS B 303 -7.60 -1.65 19.90
C CYS B 303 -7.46 -0.13 19.77
N GLY B 304 -6.38 0.42 20.33
CA GLY B 304 -6.07 1.83 20.20
C GLY B 304 -6.43 2.68 21.39
N GLY B 305 -6.90 2.09 22.48
CA GLY B 305 -7.31 2.86 23.63
C GLY B 305 -8.65 2.47 24.21
N ASP B 306 -8.86 2.81 25.48
CA ASP B 306 -10.10 2.48 26.16
C ASP B 306 -11.13 3.58 25.93
N ASP B 307 -12.35 3.16 25.63
CA ASP B 307 -13.48 4.07 25.61
C ASP B 307 -14.12 4.10 27.00
#